data_4WWR
#
_entry.id   4WWR
#
_cell.length_a   47.235
_cell.length_b   56.494
_cell.length_c   75.545
_cell.angle_alpha   90.000
_cell.angle_beta   96.230
_cell.angle_gamma   90.000
#
_symmetry.space_group_name_H-M   'P 1 21 1'
#
loop_
_entity.id
_entity.type
_entity.pdbx_description
1 polymer 'Ubiquitin-like protein 4A'
2 polymer 'Large proline-rich protein BAG6'
3 water water
#
loop_
_entity_poly.entity_id
_entity_poly.type
_entity_poly.pdbx_seq_one_letter_code
_entity_poly.pdbx_strand_id
1 'polypeptide(L)' PQVWQLISKVLARHFSAADASRVLEQLQRDYERSLSRLTLDDIERLA B,H,D,F
2 'polypeptide(L)' MQLLLSEAVSRAAKAAGARPLTSPESLSRDLEAPEVQESYRQQLRSDIQKRLQ A,G,C,E
#
# COMPACT_ATOMS: atom_id res chain seq x y z
N PRO A 1 -22.60 17.39 -22.41
CA PRO A 1 -22.09 18.76 -22.57
C PRO A 1 -20.86 19.02 -21.70
N GLN A 2 -21.02 19.61 -20.50
CA GLN A 2 -19.86 19.90 -19.66
C GLN A 2 -19.26 18.60 -19.15
N VAL A 3 -18.01 18.66 -18.71
CA VAL A 3 -17.28 17.45 -18.35
C VAL A 3 -17.82 16.76 -17.10
N TRP A 4 -18.34 17.52 -16.13
CA TRP A 4 -18.81 16.89 -14.91
C TRP A 4 -20.06 16.07 -15.21
N GLN A 5 -20.81 16.54 -16.20
CA GLN A 5 -21.98 15.83 -16.70
C GLN A 5 -21.59 14.54 -17.46
N LEU A 6 -20.53 14.63 -18.28
CA LEU A 6 -19.97 13.45 -18.94
C LEU A 6 -19.50 12.42 -17.91
N ILE A 7 -18.69 12.88 -16.97
CA ILE A 7 -18.15 12.03 -15.91
C ILE A 7 -19.28 11.41 -15.10
N SER A 8 -20.30 12.19 -14.77
CA SER A 8 -21.39 11.66 -13.96
C SER A 8 -22.05 10.46 -14.63
N LYS A 9 -22.20 10.52 -15.94
CA LYS A 9 -22.80 9.44 -16.67
C LYS A 9 -21.90 8.22 -16.75
N VAL A 10 -20.60 8.43 -16.88
CA VAL A 10 -19.68 7.31 -16.97
C VAL A 10 -19.65 6.56 -15.65
N LEU A 11 -19.59 7.29 -14.55
CA LEU A 11 -19.53 6.65 -13.25
C LEU A 11 -20.81 5.87 -12.96
N ALA A 12 -21.95 6.40 -13.41
CA ALA A 12 -23.21 5.73 -13.19
C ALA A 12 -23.27 4.45 -14.01
N ARG A 13 -22.37 4.34 -14.99
CA ARG A 13 -22.30 3.19 -15.87
C ARG A 13 -21.41 2.08 -15.33
N HIS A 14 -20.63 2.39 -14.31
CA HIS A 14 -19.63 1.47 -13.80
C HIS A 14 -19.71 1.27 -12.29
N PHE A 15 -20.40 2.16 -11.60
CA PHE A 15 -20.54 2.09 -10.15
C PHE A 15 -22.01 2.00 -9.76
N SER A 16 -22.28 1.49 -8.57
CA SER A 16 -23.63 1.58 -8.01
C SER A 16 -23.95 3.07 -7.88
N ALA A 17 -25.23 3.40 -7.85
CA ALA A 17 -25.64 4.81 -7.86
C ALA A 17 -25.04 5.59 -6.70
N ALA A 18 -25.00 4.94 -5.53
CA ALA A 18 -24.45 5.56 -4.34
C ALA A 18 -22.95 5.76 -4.53
N ASP A 19 -22.27 4.71 -5.00
CA ASP A 19 -20.84 4.80 -5.24
C ASP A 19 -20.51 5.86 -6.27
N ALA A 20 -21.29 5.94 -7.35
CA ALA A 20 -21.00 6.90 -8.42
C ALA A 20 -20.97 8.34 -7.94
N SER A 21 -21.92 8.71 -7.09
CA SER A 21 -22.00 10.07 -6.57
C SER A 21 -20.82 10.34 -5.64
N ARG A 22 -20.47 9.36 -4.82
CA ARG A 22 -19.38 9.49 -3.87
C ARG A 22 -18.05 9.63 -4.59
N VAL A 23 -17.87 8.87 -5.67
CA VAL A 23 -16.67 9.01 -6.48
C VAL A 23 -16.63 10.42 -7.07
N LEU A 24 -17.77 10.88 -7.58
CA LEU A 24 -17.80 12.17 -8.24
C LEU A 24 -17.51 13.32 -7.26
N GLU A 25 -18.04 13.24 -6.05
CA GLU A 25 -17.73 14.26 -5.04
C GLU A 25 -16.26 14.26 -4.66
N GLN A 26 -15.71 13.06 -4.50
CA GLN A 26 -14.31 12.91 -4.13
C GLN A 26 -13.42 13.44 -5.27
N LEU A 27 -13.83 13.14 -6.50
CA LEU A 27 -13.12 13.58 -7.70
C LEU A 27 -13.06 15.11 -7.73
N GLN A 28 -14.19 15.74 -7.41
CA GLN A 28 -14.27 17.20 -7.39
C GLN A 28 -13.47 17.81 -6.25
N ARG A 29 -13.42 17.14 -5.11
CA ARG A 29 -12.65 17.65 -4.00
C ARG A 29 -11.16 17.52 -4.34
N ASP A 30 -10.79 16.38 -4.92
CA ASP A 30 -9.40 16.16 -5.36
C ASP A 30 -8.97 17.20 -6.38
N TYR A 31 -9.84 17.44 -7.33
CA TYR A 31 -9.64 18.40 -8.40
C TYR A 31 -9.48 19.79 -7.78
N GLU A 32 -10.39 20.13 -6.88
CA GLU A 32 -10.36 21.44 -6.22
C GLU A 32 -9.04 21.62 -5.46
N ARG A 33 -8.61 20.58 -4.75
CA ARG A 33 -7.34 20.65 -4.00
C ARG A 33 -6.16 20.80 -4.95
N SER A 34 -6.19 20.14 -6.11
CA SER A 34 -5.08 20.26 -7.03
C SER A 34 -4.98 21.69 -7.58
N LEU A 35 -6.12 22.33 -7.82
CA LEU A 35 -6.13 23.73 -8.25
C LEU A 35 -5.55 24.65 -7.17
N SER A 36 -5.78 24.32 -5.91
CA SER A 36 -5.30 25.18 -4.83
C SER A 36 -3.79 25.10 -4.70
N ARG A 37 -3.20 24.06 -5.28
CA ARG A 37 -1.80 23.78 -5.08
C ARG A 37 -1.04 23.96 -6.37
N LEU A 38 -1.72 24.53 -7.34
CA LEU A 38 -1.19 24.72 -8.68
C LEU A 38 0.08 25.56 -8.68
N THR A 39 1.05 25.15 -9.48
CA THR A 39 2.28 25.90 -9.66
C THR A 39 2.47 26.24 -11.13
N LEU A 40 3.48 27.06 -11.40
CA LEU A 40 3.76 27.47 -12.76
C LEU A 40 4.24 26.23 -13.54
N ASP A 41 5.02 25.39 -12.87
CA ASP A 41 5.51 24.16 -13.50
C ASP A 41 4.36 23.24 -13.90
N ASP A 42 3.34 23.15 -13.06
CA ASP A 42 2.13 22.38 -13.38
C ASP A 42 1.50 22.90 -14.66
N ILE A 43 1.39 24.21 -14.75
CA ILE A 43 0.76 24.81 -15.90
C ILE A 43 1.56 24.48 -17.12
N GLU A 44 2.88 24.52 -16.99
CA GLU A 44 3.74 24.28 -18.11
C GLU A 44 3.76 22.80 -18.50
N ARG A 45 3.22 21.92 -17.67
CA ARG A 45 3.11 20.54 -18.11
C ARG A 45 1.82 20.24 -18.88
N LEU A 46 1.01 21.26 -19.11
CA LEU A 46 -0.21 21.08 -19.90
C LEU A 46 0.15 20.90 -21.38
N MET B 1 -2.25 18.21 -9.68
CA MET B 1 -2.84 18.20 -11.00
C MET B 1 -2.65 16.87 -11.73
N GLN B 2 -3.75 16.17 -12.02
CA GLN B 2 -3.71 15.00 -12.88
C GLN B 2 -4.19 15.37 -14.29
N LEU B 3 -3.35 15.07 -15.27
CA LEU B 3 -3.64 15.36 -16.68
C LEU B 3 -4.69 14.42 -17.25
N LEU B 4 -4.64 13.16 -16.83
CA LEU B 4 -5.57 12.13 -17.32
C LEU B 4 -6.77 11.90 -16.43
N LEU B 5 -7.97 12.10 -16.97
CA LEU B 5 -9.18 11.86 -16.22
C LEU B 5 -9.25 10.43 -15.66
N SER B 6 -8.78 9.47 -16.42
CA SER B 6 -8.82 8.08 -15.95
C SER B 6 -7.98 7.92 -14.67
N GLU B 7 -6.82 8.58 -14.60
CA GLU B 7 -5.99 8.51 -13.40
C GLU B 7 -6.64 9.24 -12.22
N ALA B 8 -7.25 10.39 -12.49
CA ALA B 8 -7.93 11.13 -11.42
C ALA B 8 -9.08 10.31 -10.82
N VAL B 9 -9.84 9.65 -11.67
CA VAL B 9 -10.96 8.83 -11.19
C VAL B 9 -10.46 7.59 -10.45
N SER B 10 -9.38 6.97 -10.94
CA SER B 10 -8.84 5.79 -10.26
C SER B 10 -8.45 6.17 -8.84
N ARG B 11 -7.83 7.34 -8.70
CA ARG B 11 -7.38 7.76 -7.40
C ARG B 11 -8.57 8.16 -6.52
N ALA B 12 -9.58 8.76 -7.12
CA ALA B 12 -10.79 9.14 -6.38
C ALA B 12 -11.60 7.91 -5.96
N ALA B 13 -11.69 6.91 -6.82
CA ALA B 13 -12.44 5.69 -6.49
C ALA B 13 -11.78 4.93 -5.33
N LYS B 14 -10.44 4.87 -5.34
CA LYS B 14 -9.70 4.25 -4.25
C LYS B 14 -9.89 5.05 -2.96
N ALA B 15 -9.80 6.37 -3.04
CA ALA B 15 -9.96 7.21 -1.85
C ALA B 15 -11.35 7.07 -1.25
N ALA B 16 -12.34 6.93 -2.12
CA ALA B 16 -13.74 6.81 -1.68
C ALA B 16 -14.04 5.37 -1.27
N GLY B 17 -13.12 4.46 -1.58
CA GLY B 17 -13.26 3.06 -1.26
C GLY B 17 -14.31 2.34 -2.09
N ALA B 18 -14.55 2.86 -3.30
CA ALA B 18 -15.54 2.31 -4.23
C ALA B 18 -14.91 1.48 -5.34
N ARG B 19 -15.46 0.29 -5.56
CA ARG B 19 -15.03 -0.57 -6.67
C ARG B 19 -16.12 -0.66 -7.74
N PRO B 20 -15.72 -0.60 -9.01
CA PRO B 20 -16.70 -0.70 -10.09
C PRO B 20 -17.34 -2.08 -10.17
N LEU B 21 -18.59 -2.09 -10.58
CA LEU B 21 -19.33 -3.33 -10.84
C LEU B 21 -18.97 -3.92 -12.20
N THR B 22 -18.29 -3.15 -13.05
CA THR B 22 -17.88 -3.66 -14.34
C THR B 22 -16.46 -4.20 -14.13
N SER B 23 -15.46 -3.34 -14.27
CA SER B 23 -14.07 -3.70 -14.00
C SER B 23 -13.31 -2.39 -14.02
N PRO B 24 -12.18 -2.28 -13.31
CA PRO B 24 -11.42 -1.04 -13.40
C PRO B 24 -10.88 -0.80 -14.81
N GLU B 25 -10.65 -1.85 -15.59
CA GLU B 25 -10.15 -1.67 -16.95
C GLU B 25 -11.24 -1.08 -17.85
N SER B 26 -12.48 -1.56 -17.69
CA SER B 26 -13.58 -1.04 -18.49
C SER B 26 -13.86 0.44 -18.14
N LEU B 27 -13.77 0.77 -16.86
CA LEU B 27 -13.96 2.15 -16.42
C LEU B 27 -12.89 3.08 -16.99
N SER B 28 -11.63 2.67 -16.90
CA SER B 28 -10.52 3.47 -17.41
C SER B 28 -10.62 3.63 -18.91
N ARG B 29 -10.96 2.55 -19.59
CA ARG B 29 -11.08 2.56 -21.04
C ARG B 29 -12.11 3.61 -21.45
N ASP B 30 -13.21 3.65 -20.72
CA ASP B 30 -14.26 4.60 -21.01
C ASP B 30 -13.79 6.03 -20.77
N LEU B 31 -12.99 6.24 -19.74
CA LEU B 31 -12.54 7.58 -19.40
C LEU B 31 -11.35 8.01 -20.26
N GLU B 32 -10.73 7.06 -20.94
CA GLU B 32 -9.63 7.35 -21.85
C GLU B 32 -10.10 7.60 -23.28
N ALA B 33 -11.41 7.48 -23.53
CA ALA B 33 -11.93 7.79 -24.86
C ALA B 33 -11.57 9.25 -25.18
N PRO B 34 -11.12 9.51 -26.42
CA PRO B 34 -10.65 10.86 -26.79
C PRO B 34 -11.59 12.03 -26.43
N GLU B 35 -12.90 11.89 -26.64
CA GLU B 35 -13.84 12.99 -26.37
C GLU B 35 -13.89 13.41 -24.91
N VAL B 36 -14.00 12.43 -24.02
CA VAL B 36 -14.17 12.68 -22.62
C VAL B 36 -12.87 13.19 -22.01
N GLN B 37 -11.73 12.67 -22.49
CA GLN B 37 -10.44 13.12 -22.00
C GLN B 37 -10.17 14.57 -22.42
N GLU B 38 -10.58 14.92 -23.63
CA GLU B 38 -10.40 16.27 -24.16
C GLU B 38 -11.30 17.26 -23.44
N SER B 39 -12.51 16.82 -23.11
CA SER B 39 -13.42 17.66 -22.33
C SER B 39 -12.81 17.93 -20.98
N TYR B 40 -12.19 16.91 -20.39
CA TYR B 40 -11.51 17.10 -19.14
C TYR B 40 -10.35 18.08 -19.30
N ARG B 41 -9.56 17.92 -20.35
CA ARG B 41 -8.43 18.80 -20.60
C ARG B 41 -8.86 20.26 -20.77
N GLN B 42 -9.95 20.47 -21.48
CA GLN B 42 -10.42 21.83 -21.70
C GLN B 42 -11.00 22.44 -20.43
N GLN B 43 -11.61 21.63 -19.58
CA GLN B 43 -12.16 22.13 -18.32
C GLN B 43 -11.04 22.60 -17.41
N LEU B 44 -9.99 21.80 -17.38
CA LEU B 44 -8.82 22.09 -16.59
C LEU B 44 -8.15 23.38 -17.04
N ARG B 45 -8.02 23.57 -18.35
CA ARG B 45 -7.36 24.75 -18.88
C ARG B 45 -8.16 26.00 -18.47
N SER B 46 -9.48 25.87 -18.56
CA SER B 46 -10.41 26.91 -18.13
C SER B 46 -10.24 27.26 -16.65
N ASP B 47 -10.16 26.23 -15.81
CA ASP B 47 -10.06 26.45 -14.38
C ASP B 47 -8.71 27.00 -14.01
N ILE B 48 -7.69 26.63 -14.76
CA ILE B 48 -6.36 27.16 -14.48
C ILE B 48 -6.33 28.64 -14.77
N GLN B 49 -7.00 29.07 -15.82
CA GLN B 49 -7.03 30.48 -16.17
C GLN B 49 -7.93 31.26 -15.22
N LYS B 50 -8.70 30.54 -14.43
CA LYS B 50 -9.58 31.14 -13.44
C LYS B 50 -8.77 31.35 -12.17
N ARG B 51 -7.73 30.55 -12.01
CA ARG B 51 -6.92 30.60 -10.81
C ARG B 51 -5.90 31.72 -11.03
N LEU B 52 -5.47 31.82 -12.27
CA LEU B 52 -4.49 32.78 -12.73
C LEU B 52 -4.95 34.24 -12.70
N GLN B 53 -6.23 34.45 -12.46
CA GLN B 53 -6.79 35.77 -12.43
C GLN B 53 -7.56 35.97 -11.13
N GLN C 2 17.25 -4.22 -5.87
CA GLN C 2 15.86 -3.88 -6.06
C GLN C 2 15.63 -3.15 -7.38
N VAL C 3 14.56 -3.50 -8.07
CA VAL C 3 14.30 -3.00 -9.41
C VAL C 3 13.95 -1.50 -9.43
N TRP C 4 13.37 -0.98 -8.36
CA TRP C 4 12.96 0.43 -8.37
C TRP C 4 14.18 1.33 -8.35
N GLN C 5 15.25 0.92 -7.67
CA GLN C 5 16.49 1.69 -7.66
C GLN C 5 17.13 1.66 -9.04
N LEU C 6 17.12 0.49 -9.67
CA LEU C 6 17.59 0.37 -11.05
C LEU C 6 16.75 1.26 -11.96
N ILE C 7 15.43 1.15 -11.86
CA ILE C 7 14.56 1.97 -12.69
C ILE C 7 14.82 3.46 -12.44
N SER C 8 15.01 3.86 -11.18
CA SER C 8 15.28 5.28 -10.88
C SER C 8 16.54 5.77 -11.59
N LYS C 9 17.56 4.91 -11.70
CA LYS C 9 18.79 5.32 -12.36
C LYS C 9 18.57 5.55 -13.85
N VAL C 10 17.72 4.74 -14.45
CA VAL C 10 17.43 4.89 -15.86
C VAL C 10 16.64 6.18 -16.11
N LEU C 11 15.63 6.43 -15.27
CA LEU C 11 14.75 7.59 -15.45
C LEU C 11 15.49 8.91 -15.28
N ALA C 12 16.44 8.94 -14.35
CA ALA C 12 17.23 10.15 -14.10
C ALA C 12 18.13 10.45 -15.30
N ARG C 13 18.27 9.46 -16.18
CA ARG C 13 19.10 9.57 -17.35
C ARG C 13 18.32 10.19 -18.52
N HIS C 14 16.98 10.24 -18.41
CA HIS C 14 16.14 10.67 -19.52
C HIS C 14 15.15 11.77 -19.17
N PHE C 15 14.96 12.02 -17.88
CA PHE C 15 14.03 13.03 -17.40
C PHE C 15 14.70 14.03 -16.49
N SER C 16 14.10 15.21 -16.37
CA SER C 16 14.46 16.18 -15.34
C SER C 16 14.17 15.55 -13.99
N ALA C 17 14.79 16.10 -12.96
CA ALA C 17 14.67 15.56 -11.61
C ALA C 17 13.23 15.49 -11.13
N ALA C 18 12.44 16.52 -11.44
CA ALA C 18 11.05 16.57 -11.04
C ALA C 18 10.23 15.53 -11.78
N ASP C 19 10.44 15.48 -13.09
CA ASP C 19 9.70 14.54 -13.93
C ASP C 19 10.05 13.09 -13.55
N ALA C 20 11.32 12.79 -13.37
CA ALA C 20 11.78 11.44 -13.05
C ALA C 20 11.10 10.95 -11.79
N SER C 21 10.96 11.85 -10.84
CA SER C 21 10.35 11.53 -9.56
C SER C 21 8.87 11.17 -9.71
N ARG C 22 8.14 11.97 -10.49
CA ARG C 22 6.71 11.71 -10.69
C ARG C 22 6.50 10.48 -11.58
N VAL C 23 7.36 10.26 -12.56
CA VAL C 23 7.20 9.07 -13.40
C VAL C 23 7.29 7.81 -12.53
N LEU C 24 8.28 7.78 -11.65
CA LEU C 24 8.50 6.61 -10.81
C LEU C 24 7.33 6.40 -9.84
N GLU C 25 6.79 7.48 -9.29
CA GLU C 25 5.66 7.38 -8.37
C GLU C 25 4.45 6.80 -9.09
N GLN C 26 4.18 7.31 -10.28
CA GLN C 26 3.05 6.83 -11.07
C GLN C 26 3.26 5.37 -11.51
N LEU C 27 4.49 5.06 -11.85
CA LEU C 27 4.85 3.72 -12.29
C LEU C 27 4.58 2.74 -11.14
N GLN C 28 4.96 3.11 -9.92
CA GLN C 28 4.77 2.23 -8.75
C GLN C 28 3.30 2.12 -8.40
N ARG C 29 2.55 3.20 -8.57
CA ARG C 29 1.13 3.16 -8.30
C ARG C 29 0.42 2.27 -9.35
N ASP C 30 0.81 2.40 -10.61
CA ASP C 30 0.30 1.54 -11.67
C ASP C 30 0.59 0.07 -11.39
N TYR C 31 1.83 -0.17 -10.97
CA TYR C 31 2.32 -1.50 -10.67
C TYR C 31 1.50 -2.16 -9.58
N GLU C 32 1.31 -1.43 -8.49
CA GLU C 32 0.55 -1.94 -7.36
C GLU C 32 -0.88 -2.26 -7.74
N ARG C 33 -1.53 -1.39 -8.53
CA ARG C 33 -2.91 -1.68 -8.91
C ARG C 33 -2.94 -2.89 -9.86
N SER C 34 -1.90 -3.07 -10.67
CA SER C 34 -1.83 -4.16 -11.65
C SER C 34 -1.74 -5.55 -11.01
N LEU C 35 -1.13 -5.63 -9.83
CA LEU C 35 -0.98 -6.90 -9.14
C LEU C 35 -2.30 -7.57 -8.87
N SER C 36 -3.32 -6.76 -8.60
CA SER C 36 -4.67 -7.25 -8.33
C SER C 36 -5.35 -7.74 -9.60
N ARG C 37 -4.79 -7.40 -10.75
CA ARG C 37 -5.45 -7.61 -12.03
C ARG C 37 -4.75 -8.61 -12.94
N LEU C 38 -3.80 -9.33 -12.37
CA LEU C 38 -3.05 -10.33 -13.10
C LEU C 38 -3.99 -11.43 -13.61
N THR C 39 -3.69 -11.95 -14.80
CA THR C 39 -4.42 -13.07 -15.38
C THR C 39 -3.45 -14.23 -15.57
N LEU C 40 -3.99 -15.38 -15.99
CA LEU C 40 -3.15 -16.56 -16.12
C LEU C 40 -2.16 -16.33 -17.23
N ASP C 41 -2.61 -15.67 -18.28
CA ASP C 41 -1.75 -15.33 -19.42
C ASP C 41 -0.57 -14.47 -18.97
N ASP C 42 -0.83 -13.52 -18.08
CA ASP C 42 0.25 -12.71 -17.54
C ASP C 42 1.29 -13.60 -16.86
N ILE C 43 0.84 -14.51 -16.00
CA ILE C 43 1.77 -15.41 -15.31
C ILE C 43 2.45 -16.34 -16.26
N GLU C 44 1.72 -16.79 -17.27
CA GLU C 44 2.24 -17.81 -18.17
C GLU C 44 3.42 -17.27 -18.96
N ARG C 45 3.67 -15.96 -18.85
CA ARG C 45 4.98 -15.43 -19.20
C ARG C 45 5.81 -15.50 -17.93
N LEU C 46 6.57 -16.58 -17.72
CA LEU C 46 7.35 -16.72 -16.49
C LEU C 46 8.41 -15.66 -16.39
N GLN D 2 1.85 -3.06 -19.62
CA GLN D 2 2.47 -3.90 -18.61
C GLN D 2 3.47 -4.86 -19.25
N LEU D 3 3.93 -5.82 -18.45
CA LEU D 3 4.91 -6.85 -18.83
C LEU D 3 6.19 -6.25 -19.39
N LEU D 4 6.03 -5.34 -20.34
CA LEU D 4 7.12 -4.65 -20.95
C LEU D 4 7.30 -3.42 -20.08
N LEU D 5 8.44 -3.36 -19.42
CA LEU D 5 8.72 -2.26 -18.53
C LEU D 5 8.65 -0.96 -19.31
N SER D 6 9.15 -0.98 -20.54
CA SER D 6 9.18 0.22 -21.37
C SER D 6 7.78 0.76 -21.64
N GLU D 7 6.82 -0.13 -21.87
CA GLU D 7 5.44 0.29 -22.09
C GLU D 7 4.85 0.85 -20.79
N ALA D 8 5.14 0.21 -19.67
CA ALA D 8 4.65 0.71 -18.39
C ALA D 8 5.22 2.10 -18.08
N VAL D 9 6.50 2.30 -18.35
CA VAL D 9 7.11 3.59 -18.08
C VAL D 9 6.54 4.65 -19.01
N SER D 10 6.34 4.29 -20.27
CA SER D 10 5.77 5.21 -21.23
C SER D 10 4.38 5.68 -20.78
N ARG D 11 3.58 4.76 -20.30
CA ARG D 11 2.24 5.11 -19.86
C ARG D 11 2.34 5.94 -18.58
N ALA D 12 3.33 5.66 -17.75
CA ALA D 12 3.48 6.42 -16.51
C ALA D 12 3.88 7.86 -16.80
N ALA D 13 4.77 8.06 -17.77
CA ALA D 13 5.21 9.41 -18.16
C ALA D 13 4.06 10.22 -18.77
N LYS D 14 3.23 9.54 -19.55
CA LYS D 14 2.06 10.14 -20.17
C LYS D 14 1.12 10.67 -19.09
N ALA D 15 0.82 9.82 -18.12
CA ALA D 15 -0.08 10.19 -17.05
C ALA D 15 0.50 11.35 -16.22
N ALA D 16 1.82 11.33 -16.02
CA ALA D 16 2.50 12.33 -15.18
C ALA D 16 2.81 13.64 -15.93
N GLY D 17 2.64 13.65 -17.25
CA GLY D 17 2.94 14.82 -18.05
C GLY D 17 4.43 15.07 -18.15
N ALA D 18 5.22 14.00 -18.05
CA ALA D 18 6.66 14.14 -18.12
C ALA D 18 7.17 13.84 -19.52
N ARG D 19 7.95 14.77 -20.09
CA ARG D 19 8.58 14.49 -21.38
C ARG D 19 10.08 14.29 -21.23
N PRO D 20 10.62 13.23 -21.86
CA PRO D 20 12.05 12.97 -21.73
C PRO D 20 12.89 14.06 -22.37
N LEU D 21 14.05 14.32 -21.78
CA LEU D 21 15.00 15.28 -22.31
C LEU D 21 15.75 14.66 -23.49
N THR D 22 15.69 13.34 -23.57
CA THR D 22 16.35 12.59 -24.63
C THR D 22 15.38 12.22 -25.74
N SER D 23 14.74 11.08 -25.58
CA SER D 23 13.77 10.58 -26.55
C SER D 23 13.04 9.38 -25.97
N PRO D 24 11.78 9.15 -26.41
CA PRO D 24 11.09 7.93 -25.96
C PRO D 24 11.76 6.67 -26.53
N GLU D 25 12.39 6.82 -27.68
CA GLU D 25 13.09 5.71 -28.32
C GLU D 25 14.35 5.38 -27.53
N SER D 26 15.06 6.42 -27.10
CA SER D 26 16.25 6.23 -26.28
C SER D 26 15.89 5.67 -24.90
N LEU D 27 14.80 6.16 -24.34
CA LEU D 27 14.33 5.72 -23.03
C LEU D 27 13.95 4.24 -23.06
N SER D 28 13.25 3.81 -24.10
CA SER D 28 12.86 2.40 -24.23
C SER D 28 14.08 1.48 -24.30
N ARG D 29 15.10 1.88 -25.07
CA ARG D 29 16.31 1.06 -25.19
C ARG D 29 16.91 0.78 -23.84
N ASP D 30 16.97 1.82 -23.00
CA ASP D 30 17.58 1.70 -21.69
C ASP D 30 16.76 0.78 -20.80
N LEU D 31 15.44 0.84 -20.93
CA LEU D 31 14.54 0.04 -20.11
C LEU D 31 14.39 -1.39 -20.61
N GLU D 32 14.75 -1.62 -21.87
CA GLU D 32 14.66 -2.94 -22.48
C GLU D 32 15.96 -3.72 -22.32
N ALA D 33 16.95 -3.11 -21.68
CA ALA D 33 18.22 -3.78 -21.41
C ALA D 33 17.94 -5.06 -20.62
N PRO D 34 18.59 -6.17 -21.02
CA PRO D 34 18.30 -7.47 -20.40
C PRO D 34 18.33 -7.46 -18.88
N GLU D 35 19.29 -6.73 -18.31
CA GLU D 35 19.49 -6.67 -16.86
C GLU D 35 18.29 -6.05 -16.14
N VAL D 36 17.83 -4.89 -16.62
CA VAL D 36 16.73 -4.23 -15.95
C VAL D 36 15.41 -4.97 -16.22
N GLN D 37 15.23 -5.45 -17.44
CA GLN D 37 13.97 -6.12 -17.81
C GLN D 37 13.84 -7.40 -16.98
N GLU D 38 14.95 -8.09 -16.74
CA GLU D 38 14.94 -9.32 -15.93
C GLU D 38 14.71 -9.00 -14.47
N SER D 39 15.27 -7.90 -13.99
CA SER D 39 15.03 -7.48 -12.62
C SER D 39 13.55 -7.19 -12.41
N TYR D 40 12.92 -6.61 -13.42
CA TYR D 40 11.50 -6.32 -13.35
C TYR D 40 10.72 -7.61 -13.27
N ARG D 41 11.09 -8.57 -14.11
CA ARG D 41 10.39 -9.84 -14.14
C ARG D 41 10.48 -10.53 -12.78
N GLN D 42 11.64 -10.48 -12.14
CA GLN D 42 11.79 -11.13 -10.84
C GLN D 42 11.00 -10.40 -9.77
N GLN D 43 10.86 -9.08 -9.89
CA GLN D 43 10.07 -8.34 -8.92
C GLN D 43 8.60 -8.76 -9.02
N LEU D 44 8.10 -8.90 -10.24
CA LEU D 44 6.74 -9.35 -10.44
C LEU D 44 6.55 -10.74 -9.81
N ARG D 45 7.49 -11.64 -10.08
CA ARG D 45 7.36 -13.01 -9.59
C ARG D 45 7.37 -13.09 -8.07
N SER D 46 8.29 -12.38 -7.43
CA SER D 46 8.35 -12.34 -5.98
C SER D 46 7.07 -11.78 -5.38
N ASP D 47 6.54 -10.72 -5.98
CA ASP D 47 5.32 -10.09 -5.48
C ASP D 47 4.08 -10.95 -5.71
N ILE D 48 4.07 -11.70 -6.80
CA ILE D 48 2.94 -12.61 -7.06
C ILE D 48 2.96 -13.73 -6.02
N GLN D 49 4.15 -14.22 -5.70
CA GLN D 49 4.29 -15.28 -4.70
C GLN D 49 3.99 -14.77 -3.29
N LYS D 50 4.42 -13.56 -2.96
CA LYS D 50 4.13 -12.98 -1.65
C LYS D 50 2.62 -12.85 -1.50
N ARG D 51 1.98 -12.36 -2.56
CA ARG D 51 0.56 -12.07 -2.57
C ARG D 51 -0.18 -13.37 -2.26
N LEU D 52 0.12 -14.43 -3.00
CA LEU D 52 -0.55 -15.70 -2.81
C LEU D 52 -0.33 -16.33 -1.43
N GLN D 53 0.65 -15.84 -0.67
CA GLN D 53 0.93 -16.40 0.66
C GLN D 53 0.97 -15.31 1.72
N GLN E 2 15.67 2.90 0.53
CA GLN E 2 16.99 2.36 0.82
C GLN E 2 17.07 1.91 2.27
N VAL E 3 16.19 2.43 3.13
CA VAL E 3 16.27 2.10 4.56
C VAL E 3 15.93 0.62 4.79
N TRP E 4 15.04 0.08 3.96
CA TRP E 4 14.60 -1.29 4.10
C TRP E 4 15.71 -2.27 3.76
N GLN E 5 16.58 -1.90 2.81
CA GLN E 5 17.72 -2.76 2.52
C GLN E 5 18.67 -2.68 3.71
N LEU E 6 18.89 -1.50 4.31
CA LEU E 6 19.74 -1.47 5.51
C LEU E 6 19.19 -2.35 6.62
N ILE E 7 17.90 -2.19 6.91
CA ILE E 7 17.26 -2.96 7.97
C ILE E 7 17.37 -4.45 7.69
N SER E 8 17.12 -4.86 6.44
CA SER E 8 17.21 -6.27 6.06
C SER E 8 18.63 -6.80 6.28
N LYS E 9 19.63 -5.95 6.05
CA LYS E 9 21.04 -6.33 6.22
C LYS E 9 21.29 -6.60 7.70
N VAL E 10 20.65 -5.82 8.56
CA VAL E 10 20.78 -6.01 10.00
C VAL E 10 20.07 -7.28 10.43
N LEU E 11 18.88 -7.52 9.89
CA LEU E 11 18.10 -8.68 10.29
C LEU E 11 18.83 -9.97 9.91
N ALA E 12 19.50 -9.95 8.77
CA ALA E 12 20.24 -11.13 8.31
C ALA E 12 21.41 -11.43 9.22
N ARG E 13 21.81 -10.46 10.03
CA ARG E 13 22.91 -10.66 10.96
C ARG E 13 22.41 -11.25 12.27
N HIS E 14 21.09 -11.29 12.47
CA HIS E 14 20.54 -11.76 13.75
C HIS E 14 19.46 -12.84 13.68
N PHE E 15 18.86 -13.03 12.51
CA PHE E 15 17.79 -14.01 12.34
C PHE E 15 18.18 -15.01 11.26
N SER E 16 17.55 -16.18 11.28
CA SER E 16 17.67 -17.11 10.17
C SER E 16 17.09 -16.41 8.96
N ALA E 17 17.50 -16.83 7.77
CA ALA E 17 17.06 -16.15 6.55
C ALA E 17 15.54 -16.16 6.48
N ALA E 18 14.93 -17.27 6.90
CA ALA E 18 13.48 -17.39 6.86
C ALA E 18 12.78 -16.45 7.87
N ASP E 19 13.25 -16.43 9.11
CA ASP E 19 12.68 -15.53 10.11
C ASP E 19 12.88 -14.08 9.70
N ALA E 20 14.09 -13.78 9.22
CA ALA E 20 14.44 -12.42 8.83
C ALA E 20 13.43 -11.92 7.83
N SER E 21 13.02 -12.83 6.94
CA SER E 21 12.05 -12.49 5.91
C SER E 21 10.68 -12.16 6.52
N ARG E 22 10.26 -12.94 7.50
CA ARG E 22 8.96 -12.72 8.13
C ARG E 22 8.95 -11.43 8.96
N VAL E 23 10.07 -11.13 9.62
CA VAL E 23 10.18 -9.92 10.41
C VAL E 23 10.06 -8.67 9.53
N LEU E 24 10.71 -8.69 8.38
CA LEU E 24 10.73 -7.51 7.52
C LEU E 24 9.35 -7.21 6.95
N GLU E 25 8.62 -8.26 6.58
CA GLU E 25 7.27 -8.10 6.06
C GLU E 25 6.36 -7.54 7.14
N GLN E 26 6.47 -8.06 8.36
CA GLN E 26 5.64 -7.56 9.45
C GLN E 26 6.03 -6.12 9.79
N LEU E 27 7.33 -5.84 9.75
CA LEU E 27 7.83 -4.49 10.02
C LEU E 27 7.27 -3.50 9.01
N GLN E 28 7.32 -3.89 7.74
CA GLN E 28 6.85 -3.02 6.66
C GLN E 28 5.34 -2.88 6.74
N ARG E 29 4.65 -3.95 7.13
CA ARG E 29 3.21 -3.87 7.22
C ARG E 29 2.78 -2.98 8.38
N ASP E 30 3.43 -3.12 9.54
CA ASP E 30 3.15 -2.28 10.71
C ASP E 30 3.40 -0.83 10.36
N TYR E 31 4.50 -0.61 9.65
CA TYR E 31 4.92 0.71 9.22
C TYR E 31 3.89 1.37 8.32
N GLU E 32 3.52 0.67 7.25
CA GLU E 32 2.55 1.19 6.30
C GLU E 32 1.23 1.45 7.00
N ARG E 33 0.87 0.56 7.92
CA ARG E 33 -0.38 0.71 8.66
C ARG E 33 -0.39 1.99 9.47
N SER E 34 0.77 2.29 10.06
CA SER E 34 0.92 3.44 10.93
C SER E 34 0.85 4.79 10.21
N LEU E 35 1.30 4.83 8.96
CA LEU E 35 1.25 6.08 8.18
C LEU E 35 -0.17 6.57 7.98
N SER E 36 -1.10 5.64 7.82
CA SER E 36 -2.49 6.00 7.61
C SER E 36 -3.13 6.49 8.90
N ARG E 37 -2.45 6.25 10.02
CA ARG E 37 -3.01 6.53 11.34
C ARG E 37 -2.23 7.64 12.06
N LEU E 38 -1.40 8.35 11.31
CA LEU E 38 -0.56 9.40 11.90
C LEU E 38 -1.35 10.48 12.58
N THR E 39 -0.80 10.95 13.69
CA THR E 39 -1.37 12.04 14.45
C THR E 39 -0.36 13.17 14.48
N LEU E 40 -0.78 14.31 15.00
CA LEU E 40 0.07 15.50 14.95
C LEU E 40 1.30 15.41 15.85
N ASP E 41 1.15 14.88 17.06
CA ASP E 41 2.28 14.76 17.97
C ASP E 41 3.34 13.81 17.42
N ASP E 42 2.89 12.77 16.72
CA ASP E 42 3.80 11.82 16.09
C ASP E 42 4.76 12.58 15.21
N ILE E 43 4.20 13.49 14.42
CA ILE E 43 4.99 14.30 13.50
C ILE E 43 5.92 15.19 14.32
N GLU E 44 5.43 15.69 15.45
CA GLU E 44 6.22 16.59 16.29
C GLU E 44 7.33 15.86 17.04
N ARG E 45 7.26 14.53 17.07
CA ARG E 45 8.34 13.71 17.62
C ARG E 45 9.41 13.41 16.58
N LEU E 46 9.06 13.58 15.31
CA LEU E 46 10.01 13.43 14.22
C LEU E 46 10.98 14.60 14.16
N ALA E 47 10.83 15.55 15.09
CA ALA E 47 11.79 16.63 15.26
C ALA E 47 11.91 17.47 13.98
N MET F 1 3.29 6.88 15.23
CA MET F 1 3.67 5.48 15.06
C MET F 1 4.80 5.14 16.04
N GLN F 2 5.67 4.20 15.67
CA GLN F 2 6.82 3.90 16.51
C GLN F 2 8.03 4.65 15.99
N LEU F 3 8.62 5.46 16.88
CA LEU F 3 9.75 6.31 16.54
C LEU F 3 11.06 5.55 16.44
N LEU F 4 11.26 4.62 17.36
CA LEU F 4 12.52 3.87 17.47
C LEU F 4 12.52 2.60 16.65
N LEU F 5 13.44 2.51 15.70
CA LEU F 5 13.54 1.35 14.82
C LEU F 5 13.70 0.06 15.61
N SER F 6 14.50 0.11 16.67
CA SER F 6 14.77 -1.09 17.46
C SER F 6 13.50 -1.63 18.08
N GLU F 7 12.65 -0.74 18.58
CA GLU F 7 11.39 -1.13 19.18
C GLU F 7 10.41 -1.63 18.12
N ALA F 8 10.41 -0.99 16.96
CA ALA F 8 9.51 -1.40 15.88
C ALA F 8 9.80 -2.83 15.45
N VAL F 9 11.09 -3.15 15.36
CA VAL F 9 11.51 -4.46 14.95
C VAL F 9 11.17 -5.47 16.04
N SER F 10 11.36 -5.06 17.30
CA SER F 10 11.07 -5.97 18.41
C SER F 10 9.64 -6.44 18.35
N ARG F 11 8.72 -5.52 18.10
CA ARG F 11 7.31 -5.89 18.03
C ARG F 11 6.99 -6.65 16.75
N ALA F 12 7.69 -6.33 15.66
CA ALA F 12 7.46 -7.06 14.44
C ALA F 12 7.91 -8.50 14.62
N ALA F 13 9.04 -8.69 15.28
CA ALA F 13 9.58 -10.03 15.55
C ALA F 13 8.67 -10.78 16.52
N LYS F 14 8.15 -10.07 17.51
CA LYS F 14 7.23 -10.67 18.46
C LYS F 14 5.99 -11.18 17.75
N ALA F 15 5.41 -10.34 16.90
CA ALA F 15 4.20 -10.72 16.17
C ALA F 15 4.44 -11.93 15.27
N ALA F 16 5.64 -11.99 14.72
CA ALA F 16 6.04 -13.04 13.78
C ALA F 16 6.48 -14.31 14.49
N GLY F 17 6.69 -14.22 15.79
CA GLY F 17 7.13 -15.35 16.58
C GLY F 17 8.57 -15.71 16.25
N ALA F 18 9.34 -14.71 15.83
CA ALA F 18 10.73 -14.91 15.48
C ALA F 18 11.64 -14.49 16.64
N ARG F 19 12.57 -15.39 16.97
CA ARG F 19 13.60 -15.17 17.98
C ARG F 19 14.98 -15.08 17.33
N PRO F 20 15.81 -14.12 17.74
CA PRO F 20 17.13 -13.99 17.11
C PRO F 20 18.04 -15.17 17.43
N LEU F 21 18.93 -15.50 16.50
CA LEU F 21 19.94 -16.54 16.75
C LEU F 21 21.04 -16.00 17.64
N THR F 22 21.10 -14.68 17.76
CA THR F 22 22.09 -14.06 18.65
C THR F 22 21.40 -13.72 19.97
N SER F 23 20.81 -12.54 20.03
CA SER F 23 20.10 -12.15 21.22
C SER F 23 19.31 -10.91 20.90
N PRO F 24 18.21 -10.69 21.62
CA PRO F 24 17.46 -9.48 21.33
C PRO F 24 18.30 -8.23 21.59
N GLU F 25 19.27 -8.31 22.51
CA GLU F 25 20.11 -7.17 22.85
C GLU F 25 21.11 -6.87 21.74
N SER F 26 21.73 -7.90 21.17
CA SER F 26 22.69 -7.70 20.10
C SER F 26 21.99 -7.11 18.89
N LEU F 27 20.79 -7.60 18.62
CA LEU F 27 19.95 -7.09 17.55
C LEU F 27 19.59 -5.63 17.84
N SER F 28 19.21 -5.36 19.09
CA SER F 28 18.82 -4.00 19.47
C SER F 28 20.00 -3.03 19.31
N ARG F 29 21.20 -3.47 19.71
CA ARG F 29 22.38 -2.62 19.60
C ARG F 29 22.63 -2.23 18.17
N ASP F 30 22.47 -3.16 17.25
CA ASP F 30 22.68 -2.87 15.84
C ASP F 30 21.68 -1.88 15.30
N LEU F 31 20.45 -1.96 15.78
CA LEU F 31 19.36 -1.12 15.32
C LEU F 31 19.36 0.26 15.99
N GLU F 32 20.14 0.40 17.06
CA GLU F 32 20.26 1.65 17.81
C GLU F 32 21.34 2.53 17.21
N ALA F 33 22.06 2.01 16.22
CA ALA F 33 23.11 2.79 15.56
C ALA F 33 22.53 4.05 14.94
N PRO F 34 23.18 5.21 15.18
CA PRO F 34 22.62 6.51 14.72
C PRO F 34 22.23 6.52 13.25
N GLU F 35 23.07 5.90 12.42
CA GLU F 35 22.89 5.92 10.97
C GLU F 35 21.59 5.26 10.54
N VAL F 36 21.36 4.05 11.02
CA VAL F 36 20.19 3.30 10.59
C VAL F 36 18.95 3.94 11.23
N GLN F 37 19.07 4.41 12.46
CA GLN F 37 17.92 5.07 13.11
C GLN F 37 17.56 6.38 12.40
N GLU F 38 18.56 7.13 11.96
CA GLU F 38 18.31 8.41 11.29
C GLU F 38 17.74 8.16 9.90
N SER F 39 18.23 7.12 9.23
CA SER F 39 17.70 6.71 7.95
C SER F 39 16.24 6.35 8.05
N TYR F 40 15.89 5.66 9.12
CA TYR F 40 14.50 5.31 9.40
C TYR F 40 13.69 6.59 9.66
N ARG F 41 14.24 7.50 10.43
CA ARG F 41 13.58 8.78 10.69
C ARG F 41 13.36 9.51 9.37
N GLN F 42 14.34 9.46 8.49
CA GLN F 42 14.21 10.15 7.22
C GLN F 42 13.19 9.47 6.31
N GLN F 43 13.06 8.15 6.40
CA GLN F 43 12.07 7.43 5.61
C GLN F 43 10.66 7.87 5.97
N LEU F 44 10.43 8.00 7.27
CA LEU F 44 9.15 8.43 7.80
C LEU F 44 8.82 9.82 7.30
N ARG F 45 9.80 10.72 7.40
CA ARG F 45 9.61 12.11 7.01
C ARG F 45 9.30 12.24 5.53
N SER F 46 10.04 11.52 4.70
CA SER F 46 9.79 11.52 3.27
C SER F 46 8.40 11.00 2.97
N ASP F 47 8.01 9.90 3.62
CA ASP F 47 6.73 9.29 3.32
C ASP F 47 5.58 10.16 3.82
N ILE F 48 5.79 10.87 4.93
CA ILE F 48 4.77 11.78 5.41
C ILE F 48 4.59 12.98 4.45
N GLN F 49 5.69 13.51 3.93
CA GLN F 49 5.60 14.63 3.00
C GLN F 49 5.08 14.22 1.64
N LYS F 50 5.17 12.93 1.33
CA LYS F 50 4.70 12.44 0.04
C LYS F 50 3.21 12.24 0.17
N ARG F 51 2.80 11.88 1.38
CA ARG F 51 1.42 11.53 1.66
C ARG F 51 0.60 12.81 1.52
N LEU F 52 1.21 13.93 1.88
CA LEU F 52 0.61 15.25 1.78
C LEU F 52 0.33 15.67 0.32
N GLN F 53 0.65 14.79 -0.63
CA GLN F 53 0.38 15.00 -2.05
C GLN F 53 -0.42 13.83 -2.62
N PRO G 1 -16.74 -23.52 20.33
CA PRO G 1 -15.70 -22.50 20.50
C PRO G 1 -16.30 -21.21 21.07
N GLN G 2 -15.69 -20.64 22.09
CA GLN G 2 -16.24 -19.45 22.71
C GLN G 2 -15.29 -18.25 22.61
N VAL G 3 -14.22 -18.40 21.83
CA VAL G 3 -13.21 -17.35 21.71
C VAL G 3 -13.77 -16.16 20.97
N TRP G 4 -14.68 -16.43 20.04
CA TRP G 4 -15.22 -15.38 19.18
C TRP G 4 -16.09 -14.43 20.00
N GLN G 5 -16.75 -14.98 21.02
CA GLN G 5 -17.55 -14.14 21.89
C GLN G 5 -16.66 -13.24 22.73
N LEU G 6 -15.56 -13.77 23.22
CA LEU G 6 -14.60 -12.95 23.97
C LEU G 6 -14.07 -11.79 23.16
N ILE G 7 -13.60 -12.08 21.96
CA ILE G 7 -13.01 -11.06 21.09
C ILE G 7 -14.01 -9.94 20.85
N SER G 8 -15.26 -10.33 20.65
CA SER G 8 -16.34 -9.38 20.38
C SER G 8 -16.45 -8.31 21.44
N LYS G 9 -16.22 -8.68 22.69
CA LYS G 9 -16.35 -7.75 23.80
C LYS G 9 -15.25 -6.69 23.74
N VAL G 10 -14.06 -7.11 23.30
CA VAL G 10 -12.93 -6.17 23.21
C VAL G 10 -13.15 -5.15 22.10
N LEU G 11 -13.58 -5.60 20.92
CA LEU G 11 -13.77 -4.67 19.81
C LEU G 11 -14.88 -3.65 20.15
N ALA G 12 -15.89 -4.10 20.89
CA ALA G 12 -17.00 -3.22 21.27
C ALA G 12 -16.49 -2.10 22.18
N ARG G 13 -15.29 -2.29 22.73
CA ARG G 13 -14.59 -1.29 23.54
C ARG G 13 -13.77 -0.31 22.67
N HIS G 14 -13.48 -0.66 21.41
CA HIS G 14 -12.57 0.16 20.61
C HIS G 14 -13.15 0.59 19.27
N PHE G 15 -14.21 -0.08 18.81
CA PHE G 15 -14.82 0.24 17.51
C PHE G 15 -16.30 0.57 17.65
N SER G 16 -16.83 1.32 16.69
CA SER G 16 -18.27 1.52 16.57
C SER G 16 -18.93 0.16 16.29
N ALA G 17 -20.23 0.06 16.55
CA ALA G 17 -20.93 -1.21 16.40
C ALA G 17 -20.80 -1.77 14.97
N ALA G 18 -20.86 -0.87 13.98
CA ALA G 18 -20.74 -1.29 12.59
C ALA G 18 -19.34 -1.78 12.27
N ASP G 19 -18.32 -1.02 12.68
CA ASP G 19 -16.94 -1.44 12.49
C ASP G 19 -16.65 -2.68 13.32
N ALA G 20 -17.13 -2.70 14.57
CA ALA G 20 -16.88 -3.83 15.44
C ALA G 20 -17.41 -5.11 14.80
N SER G 21 -18.58 -5.02 14.16
CA SER G 21 -19.19 -6.20 13.54
C SER G 21 -18.36 -6.66 12.38
N ARG G 22 -17.97 -5.71 11.54
CA ARG G 22 -17.24 -5.99 10.32
C ARG G 22 -15.83 -6.53 10.58
N VAL G 23 -15.17 -5.98 11.58
CA VAL G 23 -13.83 -6.41 11.93
C VAL G 23 -13.84 -7.89 12.29
N LEU G 24 -14.87 -8.31 13.02
CA LEU G 24 -14.99 -9.70 13.44
C LEU G 24 -15.25 -10.63 12.23
N GLU G 25 -15.97 -10.12 11.24
N GLU G 25 -15.95 -10.13 11.22
CA GLU G 25 -16.27 -10.89 10.03
CA GLU G 25 -16.24 -10.96 10.05
C GLU G 25 -14.98 -11.24 9.28
C GLU G 25 -14.95 -11.27 9.30
N GLN G 26 -14.10 -10.25 9.18
CA GLN G 26 -12.85 -10.36 8.46
C GLN G 26 -11.93 -11.40 9.08
N LEU G 27 -11.92 -11.43 10.40
CA LEU G 27 -11.06 -12.32 11.18
C LEU G 27 -11.29 -13.82 10.97
N GLN G 28 -12.55 -14.22 10.85
CA GLN G 28 -12.88 -15.65 10.90
C GLN G 28 -12.45 -16.52 9.70
N ARG G 29 -12.59 -16.07 8.46
CA ARG G 29 -12.13 -16.89 7.33
C ARG G 29 -10.62 -16.85 7.16
N ASP G 30 -10.00 -15.72 7.48
CA ASP G 30 -8.54 -15.62 7.46
C ASP G 30 -7.97 -16.75 8.31
N TYR G 31 -8.59 -16.94 9.45
CA TYR G 31 -8.19 -17.96 10.39
C TYR G 31 -8.29 -19.35 9.74
N GLU G 32 -9.42 -19.65 9.10
CA GLU G 32 -9.57 -20.95 8.46
C GLU G 32 -8.53 -21.21 7.37
N ARG G 33 -8.24 -20.22 6.52
CA ARG G 33 -7.23 -20.44 5.50
C ARG G 33 -5.85 -20.64 6.11
N SER G 34 -5.58 -19.98 7.23
CA SER G 34 -4.29 -20.13 7.87
C SER G 34 -4.19 -21.58 8.30
N LEU G 35 -5.33 -22.14 8.73
CA LEU G 35 -5.39 -23.56 9.11
C LEU G 35 -5.10 -24.42 7.90
N SER G 36 -5.51 -23.95 6.73
CA SER G 36 -5.31 -24.72 5.50
C SER G 36 -3.87 -24.73 5.04
N ARG G 37 -3.05 -23.80 5.56
CA ARG G 37 -1.69 -23.65 5.07
C ARG G 37 -0.70 -24.02 6.16
N LEU G 38 -1.21 -24.69 7.20
CA LEU G 38 -0.37 -25.02 8.34
C LEU G 38 0.79 -25.88 7.89
N THR G 39 1.96 -25.57 8.42
CA THR G 39 3.16 -26.34 8.19
C THR G 39 3.71 -26.76 9.54
N LEU G 40 4.71 -27.62 9.54
CA LEU G 40 5.27 -28.11 10.78
C LEU G 40 5.98 -26.98 11.50
N ASP G 41 6.64 -26.12 10.74
CA ASP G 41 7.33 -24.97 11.32
C ASP G 41 6.36 -24.03 12.01
N ASP G 42 5.20 -23.81 11.41
CA ASP G 42 4.15 -23.00 12.02
C ASP G 42 3.77 -23.54 13.40
N ILE G 43 3.58 -24.85 13.46
CA ILE G 43 3.15 -25.49 14.69
C ILE G 43 4.23 -25.30 15.76
N GLU G 44 5.48 -25.41 15.33
CA GLU G 44 6.60 -25.37 16.26
C GLU G 44 6.83 -24.00 16.85
N ARG G 45 6.17 -22.99 16.28
CA ARG G 45 6.25 -21.66 16.85
C ARG G 45 5.25 -21.45 17.98
N LEU G 46 4.22 -22.28 18.04
CA LEU G 46 3.27 -22.19 19.16
C LEU G 46 3.91 -22.72 20.44
N MET H 1 -0.21 -18.12 9.43
CA MET H 1 -0.83 -18.20 10.75
C MET H 1 -0.38 -17.04 11.63
N GLN H 2 -1.31 -16.32 12.25
CA GLN H 2 -0.93 -15.23 13.16
C GLN H 2 -1.06 -15.71 14.60
N LEU H 3 0.06 -15.74 15.30
CA LEU H 3 0.05 -16.19 16.70
C LEU H 3 -0.55 -15.11 17.58
N LEU H 4 -0.34 -13.86 17.18
CA LEU H 4 -0.83 -12.75 17.99
C LEU H 4 -2.23 -12.30 17.56
N LEU H 5 -3.21 -12.43 18.46
CA LEU H 5 -4.58 -12.02 18.14
C LEU H 5 -4.65 -10.55 17.71
N SER H 6 -3.85 -9.70 18.36
CA SER H 6 -3.88 -8.27 18.06
C SER H 6 -3.53 -7.99 16.59
N GLU H 7 -2.56 -8.73 16.05
CA GLU H 7 -2.19 -8.60 14.65
C GLU H 7 -3.27 -9.17 13.74
N ALA H 8 -3.88 -10.29 14.13
CA ALA H 8 -4.90 -10.90 13.30
C ALA H 8 -6.05 -9.90 13.16
N VAL H 9 -6.37 -9.25 14.26
CA VAL H 9 -7.40 -8.23 14.28
C VAL H 9 -6.95 -6.99 13.50
N SER H 10 -5.69 -6.62 13.70
CA SER H 10 -5.10 -5.45 13.04
C SER H 10 -5.20 -5.61 11.53
N ARG H 11 -4.96 -6.83 11.06
CA ARG H 11 -5.03 -7.13 9.65
C ARG H 11 -6.48 -7.10 9.20
N ALA H 12 -7.37 -7.50 10.10
CA ALA H 12 -8.78 -7.41 9.85
C ALA H 12 -9.23 -5.94 9.84
N ALA H 13 -8.63 -5.13 10.71
CA ALA H 13 -8.99 -3.72 10.82
C ALA H 13 -8.68 -2.95 9.54
N LYS H 14 -7.51 -3.18 8.95
CA LYS H 14 -7.20 -2.58 7.66
C LYS H 14 -8.11 -3.11 6.58
N ALA H 15 -8.27 -4.43 6.54
CA ALA H 15 -9.09 -5.05 5.52
C ALA H 15 -10.52 -4.56 5.62
N ALA H 16 -10.96 -4.30 6.85
CA ALA H 16 -12.33 -3.85 7.08
C ALA H 16 -12.50 -2.33 6.90
N GLY H 17 -11.39 -1.60 6.85
CA GLY H 17 -11.43 -0.16 6.71
C GLY H 17 -11.96 0.50 7.97
N ALA H 18 -11.77 -0.18 9.10
CA ALA H 18 -12.27 0.28 10.39
C ALA H 18 -11.19 0.99 11.19
N ARG H 19 -11.55 2.17 11.72
CA ARG H 19 -10.65 2.95 12.56
C ARG H 19 -11.12 2.86 14.01
N PRO H 20 -10.19 2.63 14.96
CA PRO H 20 -10.61 2.54 16.36
C PRO H 20 -11.16 3.86 16.91
N LEU H 21 -12.10 3.77 17.84
CA LEU H 21 -12.65 4.94 18.50
C LEU H 21 -11.65 5.49 19.50
N THR H 22 -10.70 4.63 19.87
CA THR H 22 -9.65 4.97 20.80
C THR H 22 -8.31 5.23 20.11
N SER H 23 -7.55 4.16 19.90
CA SER H 23 -6.25 4.23 19.26
C SER H 23 -5.77 2.81 18.94
N PRO H 24 -4.90 2.67 17.94
CA PRO H 24 -4.39 1.33 17.62
C PRO H 24 -3.60 0.70 18.76
N GLU H 25 -2.97 1.54 19.59
CA GLU H 25 -2.17 1.04 20.70
C GLU H 25 -3.01 0.47 21.84
N SER H 26 -4.07 1.18 22.21
CA SER H 26 -4.96 0.72 23.26
C SER H 26 -5.70 -0.55 22.86
N LEU H 27 -6.10 -0.65 21.60
CA LEU H 27 -6.76 -1.87 21.12
C LEU H 27 -5.83 -3.09 21.21
N SER H 28 -4.57 -2.91 20.84
CA SER H 28 -3.61 -4.02 20.89
C SER H 28 -3.38 -4.54 22.30
N ARG H 29 -3.22 -3.63 23.26
CA ARG H 29 -3.01 -4.01 24.65
C ARG H 29 -4.16 -4.87 25.17
N ASP H 30 -5.38 -4.47 24.82
CA ASP H 30 -6.55 -5.17 25.28
C ASP H 30 -6.60 -6.56 24.70
N LEU H 31 -6.17 -6.69 23.44
CA LEU H 31 -6.20 -7.99 22.78
C LEU H 31 -5.00 -8.83 23.17
N GLU H 32 -4.00 -8.19 23.76
CA GLU H 32 -2.83 -8.90 24.25
C GLU H 32 -3.06 -9.33 25.69
N ALA H 33 -4.21 -8.96 26.24
CA ALA H 33 -4.57 -9.41 27.59
C ALA H 33 -4.58 -10.93 27.60
N PRO H 34 -3.94 -11.53 28.63
CA PRO H 34 -3.83 -13.00 28.65
C PRO H 34 -5.15 -13.73 28.42
N GLU H 35 -6.25 -13.20 28.96
CA GLU H 35 -7.52 -13.91 28.92
C GLU H 35 -7.95 -14.16 27.49
N VAL H 36 -7.98 -13.09 26.70
CA VAL H 36 -8.45 -13.19 25.33
C VAL H 36 -7.38 -13.81 24.42
N GLN H 37 -6.11 -13.48 24.64
CA GLN H 37 -5.03 -14.04 23.82
C GLN H 37 -4.93 -15.55 24.01
N GLU H 38 -5.06 -16.00 25.25
CA GLU H 38 -4.92 -17.42 25.53
C GLU H 38 -6.13 -18.18 25.00
N SER H 39 -7.31 -17.56 25.06
CA SER H 39 -8.50 -18.17 24.46
C SER H 39 -8.29 -18.36 22.96
N TYR H 40 -7.64 -17.39 22.34
CA TYR H 40 -7.26 -17.47 20.94
C TYR H 40 -6.22 -18.58 20.68
N ARG H 41 -5.18 -18.64 21.51
CA ARG H 41 -4.15 -19.66 21.38
C ARG H 41 -4.70 -21.09 21.53
N GLN H 42 -5.60 -21.28 22.50
CA GLN H 42 -6.19 -22.59 22.76
C GLN H 42 -7.16 -23.02 21.66
N GLN H 43 -7.84 -22.05 21.05
CA GLN H 43 -8.70 -22.36 19.91
C GLN H 43 -7.83 -22.86 18.74
N LEU H 44 -6.68 -22.22 18.56
CA LEU H 44 -5.73 -22.63 17.51
C LEU H 44 -5.21 -24.05 17.75
N ARG H 45 -4.82 -24.34 18.98
CA ARG H 45 -4.30 -25.66 19.36
C ARG H 45 -5.36 -26.73 19.14
N SER H 46 -6.60 -26.39 19.48
CA SER H 46 -7.73 -27.29 19.25
C SER H 46 -7.89 -27.61 17.77
N ASP H 47 -7.81 -26.58 16.93
CA ASP H 47 -7.98 -26.76 15.49
C ASP H 47 -6.78 -27.43 14.81
N ILE H 48 -5.59 -27.26 15.36
CA ILE H 48 -4.40 -27.91 14.80
C ILE H 48 -4.55 -29.42 14.97
N GLN H 49 -5.19 -29.82 16.05
CA GLN H 49 -5.44 -31.24 16.27
C GLN H 49 -6.50 -31.74 15.27
N LYS H 50 -6.28 -31.51 13.97
CA LYS H 50 -7.20 -31.95 12.92
C LYS H 50 -6.49 -32.85 11.92
N ARG H 51 -7.19 -33.92 11.52
CA ARG H 51 -6.58 -35.06 10.83
C ARG H 51 -7.35 -35.64 9.63
N LEU H 52 -7.38 -36.97 9.52
CA LEU H 52 -7.99 -37.67 8.39
C LEU H 52 -9.50 -37.42 8.34
#